data_3LIX
#
_entry.id   3LIX
#
_cell.length_a   77.376
_cell.length_b   77.376
_cell.length_c   159.327
_cell.angle_alpha   90.00
_cell.angle_beta   90.00
_cell.angle_gamma   120.00
#
_symmetry.space_group_name_H-M   'P 63 2 2'
#
loop_
_entity.id
_entity.type
_entity.pdbx_description
1 polymer Protease
2 non-polymer 'ZINC ION'
3 non-polymer N-{(1S,2S)-1-benzyl-3-[(4R)-5,5-dimethyl-4-{[(1R)-1,2,2-trimethylpropyl]carbamoyl}-1,3-thiazolidin-3-yl]-2-hydroxy-3-oxopropyl}-3-methyl-N~2~-{(2S)-2-[(morpholin-4-ylacetyl)amino]-2-phenylacetyl}-L-valinamide
4 water water
#
_entity_poly.entity_id   1
_entity_poly.type   'polypeptide(L)'
_entity_poly.pdbx_seq_one_letter_code
;PVIPLDPARRPVIKAQVDTQTSHPKTIEALLDTGADMTVIPIALFSSNTPLKNTSVLGAGGQTQDHFKLTSLPVLIRLPF
RTTPIVLTSCLVDTKNNWAIIGRDALQQCQGVLYLP
;
_entity_poly.pdbx_strand_id   A,B
#
loop_
_chem_comp.id
_chem_comp.type
_chem_comp.name
_chem_comp.formula
E17 peptide-like N-{(1S,2S)-1-benzyl-3-[(4R)-5,5-dimethyl-4-{[(1R)-1,2,2-trimethylpropyl]carbamoyl}-1,3-thiazolidin-3-yl]-2-hydroxy-3-oxopropyl}-3-methyl-N~2~-{(2S)-2-[(morpholin-4-ylacetyl)amino]-2-phenylacetyl}-L-valinamide 'C42 H62 N6 O7 S'
ZN non-polymer 'ZINC ION' 'Zn 2'
#
# COMPACT_ATOMS: atom_id res chain seq x y z
N PRO A 1 11.72 12.19 9.36
CA PRO A 1 12.62 10.88 9.66
C PRO A 1 12.62 10.10 8.35
N VAL A 2 13.79 9.65 7.94
CA VAL A 2 13.90 8.72 6.85
C VAL A 2 13.40 7.38 7.38
N ILE A 3 12.37 6.80 6.73
CA ILE A 3 11.92 5.44 7.06
C ILE A 3 12.39 4.49 5.96
N PRO A 4 13.40 3.65 6.26
CA PRO A 4 13.96 2.69 5.30
C PRO A 4 12.95 1.62 4.98
N LEU A 5 12.94 1.14 3.74
CA LEU A 5 11.96 0.13 3.33
C LEU A 5 12.54 -1.29 3.38
N ASP A 6 11.80 -2.19 4.03
CA ASP A 6 12.27 -3.50 4.42
C ASP A 6 11.05 -4.40 4.38
N PRO A 7 11.11 -5.48 3.60
CA PRO A 7 9.96 -6.39 3.49
C PRO A 7 9.51 -6.93 4.85
N ALA A 8 10.48 -7.20 5.72
CA ALA A 8 10.26 -7.81 7.03
C ALA A 8 9.85 -6.84 8.16
N ARG A 9 10.01 -5.54 7.95
CA ARG A 9 9.70 -4.51 8.97
C ARG A 9 8.87 -3.39 8.37
N ARG A 10 7.55 -3.46 8.58
CA ARG A 10 6.60 -2.50 8.03
C ARG A 10 6.90 -1.07 8.46
N PRO A 11 6.75 -0.10 7.54
CA PRO A 11 7.05 1.26 7.92
C PRO A 11 5.86 1.82 8.67
N VAL A 12 5.94 1.81 9.98
CA VAL A 12 4.85 2.29 10.84
C VAL A 12 5.23 3.53 11.67
N ILE A 13 4.21 4.28 12.05
CA ILE A 13 4.36 5.50 12.80
C ILE A 13 3.26 5.57 13.89
N LYS A 14 3.54 6.25 15.00
CA LYS A 14 2.52 6.46 16.01
C LYS A 14 1.87 7.76 15.66
N ALA A 15 0.58 7.73 15.34
CA ALA A 15 -0.13 8.94 14.96
C ALA A 15 -1.29 9.14 15.89
N GLN A 16 -1.59 10.40 16.23
CA GLN A 16 -2.75 10.70 17.07
C GLN A 16 -3.94 11.08 16.21
N VAL A 17 -4.98 10.26 16.27
CA VAL A 17 -6.16 10.48 15.45
C VAL A 17 -7.32 11.09 16.24
N ASP A 18 -7.90 12.15 15.67
CA ASP A 18 -9.06 12.83 16.24
C ASP A 18 -10.21 12.60 15.28
N THR A 19 -11.14 11.72 15.65
CA THR A 19 -12.29 11.41 14.79
C THR A 19 -13.40 12.44 14.96
N GLN A 20 -13.29 13.22 16.04
CA GLN A 20 -14.23 14.27 16.41
C GLN A 20 -15.51 13.73 17.05
N THR A 21 -15.47 12.45 17.46
CA THR A 21 -16.65 11.75 17.98
C THR A 21 -16.39 11.11 19.35
N SER A 22 -15.11 11.10 19.74
CA SER A 22 -14.65 10.61 21.02
C SER A 22 -13.27 11.25 21.24
N HIS A 23 -12.61 10.92 22.34
CA HIS A 23 -11.31 11.53 22.62
C HIS A 23 -10.26 11.13 21.61
N PRO A 24 -9.32 12.05 21.29
CA PRO A 24 -8.24 11.72 20.35
C PRO A 24 -7.42 10.60 20.93
N LYS A 25 -6.96 9.67 20.10
CA LYS A 25 -6.18 8.54 20.60
C LYS A 25 -5.03 8.23 19.67
N THR A 26 -3.87 7.89 20.25
CA THR A 26 -2.67 7.53 19.49
C THR A 26 -2.69 6.07 19.08
N ILE A 27 -2.59 5.84 17.79
CA ILE A 27 -2.62 4.49 17.25
C ILE A 27 -1.37 4.28 16.40
N GLU A 28 -1.14 3.01 16.05
CA GLU A 28 -0.04 2.66 15.17
C GLU A 28 -0.59 2.70 13.77
N ALA A 29 0.05 3.45 12.89
CA ALA A 29 -0.43 3.53 11.52
C ALA A 29 0.65 3.07 10.56
N LEU A 30 0.24 2.48 9.44
CA LEU A 30 1.19 1.96 8.44
C LEU A 30 1.29 2.99 7.36
N LEU A 31 2.52 3.33 6.99
CA LEU A 31 2.72 4.38 6.02
C LEU A 31 2.63 3.80 4.62
N ASP A 32 1.60 4.22 3.88
CA ASP A 32 1.24 3.47 2.68
C ASP A 32 1.07 4.28 1.40
N THR A 33 2.05 4.18 0.51
CA THR A 33 1.96 4.86 -0.79
C THR A 33 0.94 4.24 -1.77
N GLY A 34 0.49 3.03 -1.50
CA GLY A 34 -0.45 2.35 -2.41
C GLY A 34 -1.85 2.82 -2.16
N ALA A 35 -2.04 3.47 -1.01
CA ALA A 35 -3.35 3.75 -0.47
C ALA A 35 -3.78 5.17 -0.80
N ASP A 36 -4.85 5.29 -1.61
CA ASP A 36 -5.46 6.59 -1.99
C ASP A 36 -5.99 7.36 -0.80
N MET A 37 -6.45 6.63 0.21
CA MET A 37 -7.30 7.17 1.26
C MET A 37 -6.89 6.59 2.59
N THR A 38 -6.95 7.41 3.62
CA THR A 38 -6.43 7.00 4.91
C THR A 38 -7.50 6.14 5.56
N VAL A 39 -7.07 5.13 6.31
CA VAL A 39 -7.98 4.14 6.91
C VAL A 39 -7.84 4.15 8.42
N ILE A 40 -8.94 4.47 9.10
CA ILE A 40 -8.97 4.61 10.55
C ILE A 40 -9.72 3.41 11.09
N PRO A 41 -9.27 2.85 12.23
CA PRO A 41 -9.98 1.77 12.93
C PRO A 41 -11.29 2.29 13.52
N ILE A 42 -12.30 1.43 13.63
CA ILE A 42 -13.60 1.89 14.12
C ILE A 42 -13.62 2.13 15.63
N ALA A 43 -12.71 1.49 16.34
CA ALA A 43 -12.59 1.68 17.79
C ALA A 43 -12.31 3.13 18.20
N LEU A 44 -12.01 3.99 17.21
CA LEU A 44 -11.77 5.41 17.48
C LEU A 44 -13.03 6.27 17.37
N PHE A 45 -14.17 5.63 17.12
CA PHE A 45 -15.45 6.32 16.94
C PHE A 45 -16.46 5.93 18.02
N SER A 46 -17.31 6.88 18.42
CA SER A 46 -18.35 6.57 19.38
C SER A 46 -19.39 5.64 18.75
N SER A 47 -20.20 5.03 19.62
CA SER A 47 -21.26 4.10 19.22
C SER A 47 -22.32 4.76 18.34
N ASN A 48 -22.63 6.02 18.66
CA ASN A 48 -23.69 6.78 17.98
C ASN A 48 -23.39 7.10 16.51
N THR A 49 -22.32 7.86 16.30
CA THR A 49 -22.06 8.56 15.02
C THR A 49 -22.29 7.75 13.74
N PRO A 50 -23.07 8.33 12.80
CA PRO A 50 -23.42 7.67 11.55
C PRO A 50 -22.22 7.53 10.62
N LEU A 51 -22.13 6.37 9.95
CA LEU A 51 -21.08 6.09 8.99
C LEU A 51 -21.66 5.52 7.72
N LYS A 52 -21.28 6.14 6.60
CA LYS A 52 -21.76 5.76 5.27
C LYS A 52 -21.16 4.43 4.79
N ASN A 53 -22.01 3.59 4.23
CA ASN A 53 -21.57 2.33 3.62
C ASN A 53 -20.75 2.64 2.37
N THR A 54 -19.76 1.78 2.08
CA THR A 54 -18.88 1.99 0.93
C THR A 54 -18.27 0.69 0.39
N SER A 55 -18.03 0.67 -0.91
CA SER A 55 -17.39 -0.44 -1.58
C SER A 55 -15.91 -0.14 -1.85
N VAL A 56 -15.06 -1.13 -1.58
CA VAL A 56 -13.61 -0.99 -1.67
C VAL A 56 -13.01 -2.17 -2.45
N LEU A 57 -12.17 -1.85 -3.45
CA LEU A 57 -11.41 -2.85 -4.21
C LEU A 57 -9.94 -2.89 -3.74
N GLY A 58 -9.59 -3.89 -2.94
CA GLY A 58 -8.21 -4.10 -2.53
C GLY A 58 -7.67 -5.40 -3.12
N ALA A 59 -6.50 -5.84 -2.66
CA ALA A 59 -5.90 -7.09 -3.13
C ALA A 59 -6.78 -8.31 -2.85
N GLY A 60 -7.46 -8.33 -1.70
CA GLY A 60 -8.45 -9.36 -1.44
C GLY A 60 -9.50 -9.42 -2.55
N GLY A 61 -10.06 -8.26 -2.86
CA GLY A 61 -11.06 -8.13 -3.92
C GLY A 61 -12.12 -7.13 -3.51
N GLN A 62 -13.28 -7.23 -4.15
CA GLN A 62 -14.43 -6.39 -3.84
C GLN A 62 -14.91 -6.61 -2.41
N THR A 63 -15.37 -5.54 -1.75
CA THR A 63 -16.01 -5.66 -0.45
C THR A 63 -16.90 -4.47 -0.13
N GLN A 64 -18.19 -4.73 0.09
CA GLN A 64 -19.08 -3.68 0.61
C GLN A 64 -19.26 -3.77 2.13
N ASP A 65 -19.06 -4.96 2.70
CA ASP A 65 -19.35 -5.18 4.13
C ASP A 65 -18.27 -4.67 5.08
N HIS A 66 -17.09 -4.35 4.54
CA HIS A 66 -15.86 -4.29 5.35
C HIS A 66 -15.34 -2.91 5.78
N PHE A 67 -15.52 -1.90 4.94
CA PHE A 67 -15.15 -0.54 5.29
C PHE A 67 -16.36 0.40 5.27
N LYS A 68 -16.36 1.40 6.15
CA LYS A 68 -17.37 2.45 6.12
C LYS A 68 -16.68 3.79 5.82
N LEU A 69 -17.46 4.84 5.67
CA LEU A 69 -16.93 6.16 5.31
C LEU A 69 -17.28 7.18 6.40
N THR A 70 -16.34 8.06 6.74
CA THR A 70 -16.58 9.05 7.81
C THR A 70 -17.61 10.11 7.41
N SER A 71 -18.42 10.49 8.39
CA SER A 71 -19.38 11.58 8.26
C SER A 71 -18.70 12.93 8.46
N LEU A 72 -17.71 12.98 9.35
CA LEU A 72 -16.99 14.23 9.61
C LEU A 72 -15.53 14.08 9.26
N PRO A 73 -14.84 15.22 9.01
CA PRO A 73 -13.38 15.20 8.81
C PRO A 73 -12.60 14.58 9.97
N VAL A 74 -11.33 14.25 9.76
CA VAL A 74 -10.48 13.61 10.78
C VAL A 74 -9.16 14.38 10.90
N LEU A 75 -8.70 14.58 12.13
CA LEU A 75 -7.44 15.28 12.37
C LEU A 75 -6.37 14.32 12.85
N ILE A 76 -5.23 14.31 12.15
CA ILE A 76 -4.10 13.47 12.52
C ILE A 76 -2.89 14.33 12.88
N ARG A 77 -2.36 14.13 14.07
CA ARG A 77 -1.13 14.78 14.51
C ARG A 77 -0.04 13.74 14.55
N LEU A 78 1.06 14.02 13.86
CA LEU A 78 2.21 13.12 13.87
C LEU A 78 3.13 13.45 15.04
N PRO A 79 4.09 12.55 15.38
CA PRO A 79 4.97 12.83 16.51
C PRO A 79 5.73 14.14 16.39
N PHE A 80 6.29 14.40 15.21
CA PHE A 80 7.11 15.59 14.99
C PHE A 80 6.28 16.86 14.72
N ARG A 81 5.47 16.81 13.66
CA ARG A 81 4.61 17.92 13.26
C ARG A 81 3.73 18.43 14.39
N THR A 82 3.67 19.76 14.51
CA THR A 82 2.78 20.41 15.46
C THR A 82 1.37 20.57 14.88
N THR A 83 1.26 21.03 13.63
CA THR A 83 -0.03 21.20 12.96
C THR A 83 -0.68 19.87 12.51
N PRO A 84 -2.02 19.78 12.62
CA PRO A 84 -2.73 18.55 12.27
C PRO A 84 -3.03 18.41 10.79
N ILE A 85 -2.93 17.18 10.29
CA ILE A 85 -3.46 16.85 8.98
C ILE A 85 -4.97 16.84 9.15
N VAL A 86 -5.68 17.33 8.13
CA VAL A 86 -7.13 17.36 8.11
C VAL A 86 -7.64 16.61 6.88
N LEU A 87 -8.37 15.52 7.09
CA LEU A 87 -8.84 14.70 5.97
C LEU A 87 -10.33 14.81 5.89
N THR A 88 -10.80 15.44 4.83
CA THR A 88 -12.22 15.66 4.58
C THR A 88 -13.05 14.40 4.85
N SER A 89 -12.50 13.26 4.45
CA SER A 89 -13.16 11.97 4.63
CA SER A 89 -13.16 11.97 4.63
C SER A 89 -12.13 10.85 4.53
N CYS A 90 -12.39 9.76 5.25
CA CYS A 90 -11.57 8.57 5.13
C CYS A 90 -12.26 7.27 5.52
N LEU A 91 -11.60 6.15 5.25
CA LEU A 91 -12.21 4.86 5.37
C LEU A 91 -12.09 4.41 6.79
N VAL A 92 -13.06 3.60 7.20
CA VAL A 92 -13.14 3.12 8.57
C VAL A 92 -13.13 1.61 8.52
N ASP A 93 -12.02 1.00 8.91
CA ASP A 93 -11.94 -0.44 8.99
C ASP A 93 -12.79 -0.88 10.16
N THR A 94 -13.75 -1.75 9.88
CA THR A 94 -14.75 -2.14 10.86
C THR A 94 -14.41 -3.45 11.56
N LYS A 95 -13.59 -4.27 10.94
CA LYS A 95 -13.43 -5.66 11.42
C LYS A 95 -12.03 -5.95 11.95
N ASN A 96 -11.07 -5.20 11.46
CA ASN A 96 -9.70 -5.30 11.88
C ASN A 96 -9.47 -4.10 12.82
N ASN A 97 -8.24 -3.65 13.06
CA ASN A 97 -8.02 -2.58 14.08
C ASN A 97 -6.66 -1.84 14.09
N TRP A 98 -6.07 -1.66 12.92
CA TRP A 98 -4.95 -0.70 12.79
C TRP A 98 -5.21 0.25 11.61
N ALA A 99 -4.45 1.35 11.59
CA ALA A 99 -4.67 2.42 10.64
C ALA A 99 -3.72 2.34 9.48
N ILE A 100 -4.14 2.90 8.36
CA ILE A 100 -3.27 3.04 7.20
C ILE A 100 -3.17 4.53 6.86
N ILE A 101 -1.98 5.13 6.99
CA ILE A 101 -1.76 6.51 6.55
CA ILE A 101 -1.75 6.51 6.56
C ILE A 101 -1.51 6.50 5.05
N GLY A 102 -2.50 6.97 4.30
CA GLY A 102 -2.46 6.97 2.84
C GLY A 102 -2.07 8.31 2.24
N ARG A 103 -1.97 8.33 0.91
CA ARG A 103 -1.48 9.48 0.16
C ARG A 103 -2.25 10.79 0.41
N ASP A 104 -3.50 10.71 0.85
CA ASP A 104 -4.22 11.94 1.25
C ASP A 104 -3.48 12.68 2.38
N ALA A 105 -3.04 11.93 3.39
CA ALA A 105 -2.30 12.50 4.48
C ALA A 105 -0.86 12.74 4.06
N LEU A 106 -0.24 11.73 3.45
CA LEU A 106 1.15 11.84 3.01
C LEU A 106 1.43 13.11 2.20
N GLN A 107 0.42 13.61 1.48
CA GLN A 107 0.58 14.86 0.73
C GLN A 107 0.63 16.09 1.63
N GLN A 108 -0.23 16.10 2.64
CA GLN A 108 -0.35 17.24 3.52
C GLN A 108 0.86 17.41 4.42
N CYS A 109 1.64 16.35 4.62
CA CYS A 109 2.87 16.52 5.42
C CYS A 109 4.16 16.42 4.60
N GLN A 110 4.07 16.88 3.36
CA GLN A 110 5.18 16.91 2.38
C GLN A 110 5.97 15.62 2.31
N GLY A 111 5.26 14.49 2.44
CA GLY A 111 5.87 13.16 2.35
C GLY A 111 6.28 12.79 0.93
N VAL A 112 7.42 12.11 0.82
CA VAL A 112 7.96 11.70 -0.47
C VAL A 112 8.58 10.29 -0.44
N LEU A 113 8.80 9.76 -1.63
CA LEU A 113 9.41 8.46 -1.79
C LEU A 113 10.74 8.72 -2.50
N TYR A 114 11.87 8.32 -1.91
CA TYR A 114 13.16 8.52 -2.57
C TYR A 114 13.74 7.21 -3.06
N LEU A 115 14.03 7.15 -4.36
CA LEU A 115 14.76 6.02 -4.96
C LEU A 115 16.12 6.48 -5.49
N PRO A 116 17.22 6.07 -4.83
CA PRO A 116 18.58 6.47 -5.22
C PRO A 116 18.93 6.03 -6.64
N PRO B 1 14.85 8.97 -8.04
CA PRO B 1 14.12 10.23 -8.02
C PRO B 1 13.28 10.44 -6.77
N VAL B 2 13.05 11.70 -6.44
CA VAL B 2 12.08 12.08 -5.43
C VAL B 2 10.71 11.93 -6.09
N ILE B 3 9.83 11.12 -5.49
CA ILE B 3 8.48 10.91 -5.98
C ILE B 3 7.52 11.63 -5.04
N PRO B 4 6.87 12.72 -5.51
CA PRO B 4 5.90 13.41 -4.68
C PRO B 4 4.67 12.54 -4.51
N LEU B 5 3.87 12.81 -3.48
CA LEU B 5 2.70 11.95 -3.23
C LEU B 5 1.40 12.73 -3.31
N ASP B 6 0.49 12.27 -4.17
CA ASP B 6 -0.80 12.91 -4.43
C ASP B 6 -1.90 11.84 -4.36
N PRO B 7 -3.02 12.12 -3.66
CA PRO B 7 -4.08 11.10 -3.58
C PRO B 7 -4.74 10.89 -4.93
N ALA B 8 -4.79 11.97 -5.70
CA ALA B 8 -5.38 12.00 -7.04
C ALA B 8 -4.49 11.38 -8.12
N ARG B 9 -3.39 10.75 -7.73
CA ARG B 9 -2.35 10.36 -8.70
C ARG B 9 -1.50 9.20 -8.20
N ARG B 10 -1.86 7.98 -8.59
CA ARG B 10 -1.12 6.79 -8.19
C ARG B 10 0.37 6.93 -8.56
N PRO B 11 1.28 6.75 -7.58
CA PRO B 11 2.70 6.78 -7.93
C PRO B 11 3.08 5.53 -8.71
N VAL B 12 3.10 5.66 -10.03
CA VAL B 12 3.35 4.54 -10.92
C VAL B 12 4.74 4.69 -11.50
N ILE B 13 5.33 3.60 -11.98
CA ILE B 13 6.64 3.67 -12.61
C ILE B 13 6.75 2.60 -13.70
N LYS B 14 7.51 2.90 -14.77
CA LYS B 14 7.78 1.94 -15.84
C LYS B 14 8.86 0.93 -15.44
N ALA B 15 8.47 -0.34 -15.36
CA ALA B 15 9.37 -1.40 -14.93
C ALA B 15 9.51 -2.46 -16.00
N GLN B 16 10.69 -3.03 -16.10
CA GLN B 16 10.91 -4.13 -17.01
C GLN B 16 11.04 -5.41 -16.18
N VAL B 17 10.15 -6.37 -16.43
CA VAL B 17 10.05 -7.58 -15.63
C VAL B 17 10.38 -8.84 -16.41
N ASP B 18 11.42 -9.53 -15.95
CA ASP B 18 11.79 -10.79 -16.57
C ASP B 18 11.41 -11.91 -15.63
N THR B 19 10.37 -12.66 -16.00
CA THR B 19 9.81 -13.74 -15.18
C THR B 19 10.62 -15.01 -15.34
N GLN B 20 11.49 -14.99 -16.33
CA GLN B 20 12.39 -16.10 -16.67
C GLN B 20 11.69 -17.24 -17.40
N THR B 21 10.38 -17.12 -17.61
CA THR B 21 9.69 -18.10 -18.44
C THR B 21 9.07 -17.50 -19.71
N SER B 22 9.57 -16.34 -20.12
CA SER B 22 9.19 -15.67 -21.37
C SER B 22 10.02 -14.41 -21.63
N HIS B 23 9.76 -13.76 -22.77
CA HIS B 23 10.42 -12.51 -23.12
C HIS B 23 10.21 -11.52 -21.98
N PRO B 24 11.28 -10.81 -21.56
CA PRO B 24 11.12 -9.69 -20.62
C PRO B 24 10.15 -8.62 -21.14
N LYS B 25 9.42 -7.98 -20.22
CA LYS B 25 8.34 -7.07 -20.57
C LYS B 25 8.29 -5.81 -19.71
N THR B 26 7.86 -4.72 -20.31
CA THR B 26 7.71 -3.43 -19.61
C THR B 26 6.26 -3.26 -19.15
N ILE B 27 6.06 -2.95 -17.87
CA ILE B 27 4.73 -2.72 -17.30
C ILE B 27 4.71 -1.43 -16.47
N GLU B 28 3.51 -0.97 -16.12
CA GLU B 28 3.36 0.23 -15.27
C GLU B 28 2.99 -0.26 -13.89
N ALA B 29 3.95 -0.18 -12.97
CA ALA B 29 3.80 -0.74 -11.65
C ALA B 29 3.60 0.33 -10.61
N LEU B 30 2.76 0.02 -9.63
CA LEU B 30 2.43 0.96 -8.57
C LEU B 30 3.45 0.82 -7.46
N LEU B 31 4.07 1.94 -7.10
CA LEU B 31 5.05 2.04 -6.02
C LEU B 31 4.36 2.06 -4.66
N ASP B 32 4.39 0.93 -3.96
CA ASP B 32 3.52 0.73 -2.79
C ASP B 32 4.22 0.26 -1.48
N THR B 33 4.53 1.22 -0.62
CA THR B 33 5.21 0.93 0.65
C THR B 33 4.38 0.15 1.67
N GLY B 34 3.13 -0.19 1.36
CA GLY B 34 2.30 -0.99 2.25
C GLY B 34 2.19 -2.41 1.75
N ALA B 35 2.90 -2.69 0.66
CA ALA B 35 2.95 -4.03 0.16
C ALA B 35 4.21 -4.73 0.68
N ASP B 36 4.04 -5.86 1.35
CA ASP B 36 5.16 -6.65 1.84
C ASP B 36 5.91 -7.32 0.69
N MET B 37 5.18 -7.66 -0.35
CA MET B 37 5.77 -8.41 -1.45
C MET B 37 5.26 -7.84 -2.76
N THR B 38 6.08 -7.97 -3.80
CA THR B 38 5.77 -7.48 -5.13
C THR B 38 4.71 -8.36 -5.79
N VAL B 39 3.75 -7.72 -6.46
CA VAL B 39 2.75 -8.40 -7.26
C VAL B 39 2.97 -8.03 -8.71
N ILE B 40 2.89 -9.03 -9.59
CA ILE B 40 2.97 -8.82 -11.03
C ILE B 40 1.88 -9.66 -11.69
N PRO B 41 1.42 -9.26 -12.89
CA PRO B 41 0.33 -9.96 -13.57
C PRO B 41 0.74 -11.31 -14.17
N ILE B 42 -0.18 -12.27 -14.13
CA ILE B 42 0.04 -13.54 -14.80
C ILE B 42 0.26 -13.41 -16.32
N ALA B 43 -0.07 -12.23 -16.87
CA ALA B 43 0.07 -11.96 -18.32
C ALA B 43 1.49 -11.95 -18.80
N LEU B 44 2.43 -11.82 -17.86
CA LEU B 44 3.87 -11.92 -18.13
C LEU B 44 4.37 -13.36 -18.16
N PHE B 45 3.57 -14.28 -17.62
CA PHE B 45 3.98 -15.65 -17.48
C PHE B 45 3.47 -16.54 -18.57
N SER B 46 4.25 -17.56 -18.89
CA SER B 46 3.92 -18.51 -19.94
C SER B 46 2.78 -19.48 -19.60
N SER B 47 2.20 -20.08 -20.64
CA SER B 47 1.06 -21.01 -20.54
C SER B 47 1.30 -22.19 -19.62
N ASN B 48 2.42 -22.90 -19.78
CA ASN B 48 2.77 -23.99 -18.86
C ASN B 48 3.06 -23.46 -17.44
N THR B 49 4.33 -23.16 -17.16
CA THR B 49 4.78 -22.48 -15.92
C THR B 49 4.10 -22.95 -14.62
N PRO B 50 4.82 -23.74 -13.80
CA PRO B 50 4.29 -24.09 -12.47
C PRO B 50 4.29 -22.90 -11.51
N LEU B 51 3.12 -22.66 -10.92
CA LEU B 51 2.94 -21.63 -9.92
C LEU B 51 2.26 -22.22 -8.68
N LYS B 52 2.81 -21.91 -7.51
CA LYS B 52 2.29 -22.43 -6.24
C LYS B 52 1.05 -21.64 -5.79
N ASN B 53 0.04 -22.37 -5.29
CA ASN B 53 -1.13 -21.76 -4.62
C ASN B 53 -0.64 -20.98 -3.42
N THR B 54 -1.37 -19.94 -3.03
CA THR B 54 -1.01 -19.16 -1.84
C THR B 54 -2.16 -18.37 -1.18
N SER B 55 -1.95 -17.98 0.07
CA SER B 55 -2.92 -17.19 0.83
C SER B 55 -2.35 -15.78 0.99
N VAL B 56 -3.21 -14.77 0.80
CA VAL B 56 -2.78 -13.36 0.83
C VAL B 56 -3.84 -12.46 1.50
N LEU B 57 -3.40 -11.66 2.47
CA LEU B 57 -4.27 -10.70 3.14
C LEU B 57 -4.14 -9.35 2.47
N GLY B 58 -5.29 -8.73 2.18
CA GLY B 58 -5.34 -7.39 1.60
C GLY B 58 -6.56 -6.66 2.12
N ALA B 59 -6.86 -5.52 1.51
CA ALA B 59 -8.00 -4.73 1.93
C ALA B 59 -9.33 -5.51 1.81
N GLY B 60 -9.49 -6.29 0.75
CA GLY B 60 -10.66 -7.16 0.62
C GLY B 60 -10.67 -8.40 1.54
N GLY B 61 -9.72 -8.47 2.46
CA GLY B 61 -9.56 -9.63 3.34
C GLY B 61 -8.57 -10.66 2.81
N GLN B 62 -8.53 -11.82 3.47
CA GLN B 62 -7.70 -12.97 3.08
C GLN B 62 -8.24 -13.60 1.79
N THR B 63 -7.35 -13.95 0.86
CA THR B 63 -7.77 -14.63 -0.38
C THR B 63 -6.92 -15.83 -0.81
N GLN B 64 -7.50 -17.01 -0.67
CA GLN B 64 -6.86 -18.28 -1.06
C GLN B 64 -6.75 -18.36 -2.57
N ASP B 65 -7.69 -17.72 -3.25
CA ASP B 65 -7.96 -17.99 -4.66
C ASP B 65 -7.29 -17.06 -5.70
N HIS B 66 -6.93 -15.84 -5.30
CA HIS B 66 -6.56 -14.78 -6.25
C HIS B 66 -5.10 -14.74 -6.74
N PHE B 67 -4.17 -15.02 -5.83
CA PHE B 67 -2.75 -14.85 -6.10
C PHE B 67 -2.01 -16.18 -6.09
N LYS B 68 -1.00 -16.29 -6.94
CA LYS B 68 -0.08 -17.41 -6.85
C LYS B 68 1.34 -16.91 -6.64
N LEU B 69 2.22 -17.87 -6.30
CA LEU B 69 3.59 -17.57 -5.91
C LEU B 69 4.54 -18.16 -6.94
N THR B 70 5.55 -17.38 -7.34
CA THR B 70 6.51 -17.81 -8.36
C THR B 70 7.44 -18.91 -7.90
N SER B 71 7.74 -19.82 -8.83
CA SER B 71 8.70 -20.89 -8.59
C SER B 71 10.12 -20.36 -8.67
N LEU B 72 10.34 -19.41 -9.58
CA LEU B 72 11.67 -18.91 -9.89
C LEU B 72 11.79 -17.41 -9.57
N PRO B 73 13.02 -16.93 -9.29
CA PRO B 73 13.21 -15.51 -9.03
C PRO B 73 12.73 -14.68 -10.18
N VAL B 74 12.36 -13.43 -9.91
CA VAL B 74 11.88 -12.50 -10.92
C VAL B 74 12.86 -11.32 -11.01
N LEU B 75 13.36 -11.03 -12.22
CA LEU B 75 14.28 -9.90 -12.40
C LEU B 75 13.47 -8.65 -12.74
N ILE B 76 13.78 -7.54 -12.07
CA ILE B 76 13.11 -6.28 -12.34
C ILE B 76 14.11 -5.15 -12.64
N ARG B 77 14.11 -4.68 -13.88
CA ARG B 77 14.89 -3.51 -14.23
C ARG B 77 14.02 -2.25 -14.20
N LEU B 78 14.51 -1.24 -13.49
CA LEU B 78 13.88 0.08 -13.42
C LEU B 78 14.62 1.06 -14.34
N PRO B 79 14.05 2.26 -14.56
CA PRO B 79 14.61 3.22 -15.53
C PRO B 79 16.03 3.71 -15.24
N PHE B 80 16.24 4.21 -14.02
CA PHE B 80 17.53 4.80 -13.61
C PHE B 80 18.66 3.78 -13.48
N ARG B 81 18.64 3.00 -12.39
CA ARG B 81 19.65 1.96 -12.14
C ARG B 81 19.76 0.94 -13.27
N THR B 82 20.99 0.74 -13.76
CA THR B 82 21.25 -0.19 -14.86
C THR B 82 21.07 -1.63 -14.42
N THR B 83 21.45 -1.92 -13.17
CA THR B 83 21.47 -3.28 -12.62
C THR B 83 20.15 -3.67 -11.91
N PRO B 84 19.67 -4.92 -12.14
CA PRO B 84 18.33 -5.39 -11.79
C PRO B 84 18.09 -5.82 -10.34
N ILE B 85 16.84 -5.67 -9.93
CA ILE B 85 16.32 -6.22 -8.69
C ILE B 85 16.09 -7.70 -8.96
N VAL B 86 16.53 -8.56 -8.06
CA VAL B 86 16.23 -9.99 -8.15
C VAL B 86 15.45 -10.41 -6.93
N LEU B 87 14.18 -10.73 -7.15
CA LEU B 87 13.30 -11.16 -6.07
C LEU B 87 13.28 -12.66 -6.08
N THR B 88 13.56 -13.26 -4.93
CA THR B 88 13.58 -14.71 -4.81
C THR B 88 12.25 -15.32 -5.20
N SER B 89 11.19 -14.61 -4.84
CA SER B 89 9.83 -15.08 -5.00
C SER B 89 8.96 -13.84 -4.90
N CYS B 90 7.88 -13.80 -5.69
CA CYS B 90 6.88 -12.73 -5.58
C CYS B 90 5.50 -13.17 -6.06
N LEU B 91 4.48 -12.39 -5.71
CA LEU B 91 3.11 -12.81 -5.95
C LEU B 91 2.75 -12.62 -7.40
N VAL B 92 1.81 -13.41 -7.85
CA VAL B 92 1.32 -13.30 -9.22
C VAL B 92 -0.20 -13.14 -9.26
N ASP B 93 -0.67 -11.99 -9.72
CA ASP B 93 -2.10 -11.73 -9.75
C ASP B 93 -2.72 -12.44 -10.93
N THR B 94 -3.60 -13.38 -10.63
CA THR B 94 -4.28 -14.15 -11.66
C THR B 94 -5.59 -13.54 -12.10
N LYS B 95 -6.34 -12.98 -11.15
CA LYS B 95 -7.69 -12.48 -11.43
C LYS B 95 -7.62 -11.24 -12.30
N ASN B 96 -7.08 -10.17 -11.75
CA ASN B 96 -6.88 -8.94 -12.51
C ASN B 96 -5.58 -9.03 -13.24
N ASN B 97 -4.93 -7.89 -13.40
CA ASN B 97 -3.53 -7.88 -13.78
C ASN B 97 -2.84 -6.69 -13.15
N TRP B 98 -2.67 -6.79 -11.82
CA TRP B 98 -2.04 -5.78 -10.97
C TRP B 98 -0.53 -5.78 -11.04
N ALA B 99 0.05 -4.60 -10.99
CA ALA B 99 1.48 -4.43 -10.97
C ALA B 99 1.76 -3.59 -9.77
N ILE B 100 2.46 -4.15 -8.80
CA ILE B 100 2.76 -3.47 -7.55
C ILE B 100 4.19 -3.77 -7.15
N ILE B 101 5.00 -2.72 -7.03
CA ILE B 101 6.35 -2.80 -6.51
C ILE B 101 6.24 -2.65 -5.00
N GLY B 102 6.52 -3.73 -4.27
CA GLY B 102 6.47 -3.74 -2.81
C GLY B 102 7.83 -3.50 -2.17
N ARG B 103 7.91 -3.73 -0.86
CA ARG B 103 9.11 -3.39 -0.13
C ARG B 103 10.29 -4.33 -0.42
N ASP B 104 9.98 -5.59 -0.70
CA ASP B 104 11.00 -6.57 -1.14
C ASP B 104 11.92 -5.95 -2.21
N ALA B 105 11.28 -5.33 -3.21
CA ALA B 105 11.92 -4.68 -4.35
C ALA B 105 12.52 -3.35 -3.94
N LEU B 106 11.77 -2.56 -3.19
CA LEU B 106 12.16 -1.21 -2.89
C LEU B 106 13.43 -1.20 -2.02
N GLN B 107 13.58 -2.19 -1.16
CA GLN B 107 14.79 -2.36 -0.33
C GLN B 107 16.03 -2.61 -1.18
N GLN B 108 15.90 -3.54 -2.12
CA GLN B 108 17.00 -3.89 -3.04
C GLN B 108 17.53 -2.69 -3.85
N CYS B 109 16.72 -1.66 -3.99
CA CYS B 109 17.19 -0.42 -4.60
C CYS B 109 17.16 0.75 -3.61
N GLN B 110 17.26 0.41 -2.33
CA GLN B 110 17.48 1.37 -1.26
C GLN B 110 16.51 2.54 -1.23
N GLY B 111 15.25 2.27 -1.56
CA GLY B 111 14.16 3.24 -1.38
C GLY B 111 13.89 3.57 0.09
N VAL B 112 13.56 4.83 0.35
CA VAL B 112 13.18 5.27 1.69
C VAL B 112 11.94 6.13 1.58
N LEU B 113 11.20 6.22 2.68
CA LEU B 113 10.14 7.22 2.80
C LEU B 113 10.67 8.34 3.68
N TYR B 114 10.56 9.58 3.20
CA TYR B 114 11.01 10.74 3.96
C TYR B 114 9.82 11.61 4.36
N LEU B 115 9.60 11.74 5.67
CA LEU B 115 8.59 12.66 6.22
C LEU B 115 9.34 13.81 6.88
N PRO B 116 9.22 15.03 6.31
CA PRO B 116 9.88 16.23 6.84
C PRO B 116 9.45 16.54 8.27
ZN ZN C . -16.73 -9.51 4.59
CB1 E17 D . 0.44 -11.31 3.55
OA1 E17 D . -0.93 -11.51 3.18
CB0 E17 D . 1.00 -12.72 3.78
NB1 E17 D . 0.61 -13.13 5.22
OA4 E17 D . -1.25 -12.13 7.39
CA2 E17 D . 1.02 -12.02 6.21
CA6 E17 D . -0.88 -13.53 5.30
CA3 E17 D . 0.25 -11.87 7.54
CA5 E17 D . -1.49 -13.49 6.70
CBF E17 D . 0.36 -7.69 2.37
NAJ E17 D . 0.92 -9.90 3.65
OAK E17 D . 1.42 -7.15 2.31
CBM E17 D . -0.01 -8.78 3.38
CBK E17 D . -0.25 -8.03 4.74
CAQ E17 D . -0.77 -6.54 7.40
CAT E17 D . -0.11 -5.79 6.20
CAU E17 D . -1.17 -8.03 7.25
CAX E17 D . 0.14 -6.54 4.87
CAY E17 D . -0.91 -8.78 5.92
N E17 D . -0.75 -7.30 1.52
CA E17 D . -0.47 -6.27 0.56
CB E17 D . -0.42 -7.03 -0.79
CAG E17 D . 1.03 -7.56 -0.95
CG1 E17 D . -1.43 -8.20 -0.80
CG2 E17 D . -0.75 -6.08 -1.97
C E17 D . -1.58 -5.21 0.59
O E17 D . -2.70 -5.47 0.33
CBI E17 D . -2.47 -1.00 -0.73
NBC E17 D . -1.17 -3.88 0.98
OAN E17 D . -2.75 0.07 -0.29
CBN E17 D . -1.43 -1.86 -0.03
CBJ E17 D . -3.12 -3.15 3.16
CBA E17 D . -2.36 -2.17 2.30
CAP E17 D . -4.70 -5.11 4.90
CBO E17 D . -2.16 -2.82 0.94
OAO E17 D . -0.52 -1.05 0.66
CAV E17 D . -4.65 -3.10 3.18
CAW E17 D . -2.35 -4.16 4.00
CAR E17 D . -5.45 -4.08 4.05
CAS E17 D . -3.16 -5.14 4.87
CBH E17 D . -5.43 -0.59 -1.60
NBR E17 D . -3.15 -1.45 -1.93
OAM E17 D . -5.55 -1.54 -0.87
CBQ E17 D . -4.24 -0.52 -2.57
CBU E17 D . -4.62 -1.09 -3.97
CAZ E17 D . -2.99 -2.80 -2.68
CAH E17 D . -6.10 -0.80 -4.32
CAI E17 D . -3.72 -0.33 -4.94
SBE E17 D . -4.24 -2.86 -3.83
NBB E17 D . -6.39 0.51 -1.57
CBL E17 D . -7.52 0.43 -0.65
CBS E17 D . -7.20 1.09 0.73
CAA E17 D . -8.74 1.08 -1.32
CAB E17 D . -5.80 0.76 1.30
CAC E17 D . -7.28 2.64 0.65
CAD E17 D . -8.21 0.44 1.70
#